data_6J67
#
_entry.id   6J67
#
_cell.length_a   95.235
_cell.length_b   95.235
_cell.length_c   66.979
_cell.angle_alpha   90.000
_cell.angle_beta   90.000
_cell.angle_gamma   90.000
#
_symmetry.space_group_name_H-M   'P 42 21 2'
#
loop_
_entity.id
_entity.type
_entity.pdbx_description
1 polymer 'Telomeric repeat-binding factor 2'
2 polymer 3FB-PHE-B8R-LEU-5XU-PRO
3 water water
#
loop_
_entity_poly.entity_id
_entity_poly.type
_entity_poly.pdbx_seq_one_letter_code
_entity_poly.pdbx_strand_id
1 'polypeptide(L)'
;GAGEARLEEAVNRWVLKFYFHEALRAFRGSRYGDFRQIRDIMQALLVRPLGKEHTVSRLLRVMQCLSRIEEGENLDCSFD
MEAELTPLESAINVLEMIKTEFTLTEAVVESSRKLVKEAAVIICIKNKEFEKASKILKKHMSKDPTTQKLRNDLLNIIRE
KNLAHPVIQNFSYETFQQKMLRFLESHLDDAEPYLLTMAKKALK
;
A
2 'polypeptide(L)' (3FB)F(B8R)LAP C
#
# COMPACT_ATOMS: atom_id res chain seq x y z
N ALA A 2 4.67 -25.29 27.46
CA ALA A 2 4.46 -24.27 26.45
C ALA A 2 5.76 -23.54 26.12
N GLY A 3 6.87 -24.26 26.18
CA GLY A 3 8.08 -23.80 25.53
C GLY A 3 8.04 -23.95 24.03
N GLU A 4 7.16 -24.83 23.54
CA GLU A 4 6.89 -24.94 22.12
C GLU A 4 6.25 -23.67 21.57
N ALA A 5 5.70 -22.82 22.44
CA ALA A 5 5.12 -21.56 21.99
C ALA A 5 6.21 -20.62 21.50
N ARG A 6 7.32 -20.50 22.24
CA ARG A 6 8.43 -19.68 21.77
C ARG A 6 9.05 -20.26 20.51
N LEU A 7 8.96 -21.59 20.33
CA LEU A 7 9.46 -22.21 19.11
C LEU A 7 8.61 -21.80 17.91
N GLU A 8 7.28 -21.90 18.04
CA GLU A 8 6.41 -21.52 16.94
C GLU A 8 6.52 -20.03 16.64
N GLU A 9 6.64 -19.21 17.69
CA GLU A 9 6.77 -17.77 17.49
C GLU A 9 8.01 -17.44 16.66
N ALA A 10 9.14 -18.09 16.96
CA ALA A 10 10.35 -17.84 16.19
C ALA A 10 10.19 -18.29 14.74
N VAL A 11 9.61 -19.47 14.52
CA VAL A 11 9.40 -19.96 13.16
C VAL A 11 8.41 -19.07 12.42
N ASN A 12 7.31 -18.68 13.07
CA ASN A 12 6.34 -17.79 12.41
C ASN A 12 6.98 -16.48 11.99
N ARG A 13 7.90 -15.95 12.80
CA ARG A 13 8.61 -14.73 12.41
C ARG A 13 9.45 -14.98 11.17
N TRP A 14 10.19 -16.09 11.16
CA TRP A 14 10.99 -16.45 9.99
C TRP A 14 10.11 -16.58 8.76
N VAL A 15 8.97 -17.27 8.90
CA VAL A 15 8.08 -17.48 7.77
C VAL A 15 7.51 -16.16 7.27
N LEU A 16 7.07 -15.30 8.20
CA LEU A 16 6.51 -14.01 7.81
C LEU A 16 7.52 -13.16 7.08
N LYS A 17 8.76 -13.10 7.58
CA LYS A 17 9.79 -12.30 6.94
C LYS A 17 10.19 -12.86 5.58
N PHE A 18 10.18 -14.19 5.43
CA PHE A 18 10.51 -14.78 4.14
C PHE A 18 9.47 -14.40 3.09
N TYR A 19 8.19 -14.57 3.40
CA TYR A 19 7.16 -14.30 2.41
C TYR A 19 7.00 -12.80 2.17
N PHE A 20 7.31 -11.97 3.17
CA PHE A 20 7.34 -10.53 2.92
C PHE A 20 8.43 -10.18 1.91
N HIS A 21 9.60 -10.80 2.03
CA HIS A 21 10.68 -10.57 1.07
C HIS A 21 10.26 -10.98 -0.33
N GLU A 22 9.60 -12.14 -0.46
CA GLU A 22 9.15 -12.59 -1.77
C GLU A 22 7.94 -11.82 -2.27
N ALA A 23 7.14 -11.24 -1.37
CA ALA A 23 6.03 -10.41 -1.82
C ALA A 23 6.55 -9.09 -2.40
N LEU A 24 7.58 -8.51 -1.77
CA LEU A 24 8.21 -7.32 -2.34
C LEU A 24 8.83 -7.62 -3.69
N ARG A 25 9.44 -8.81 -3.82
CA ARG A 25 10.06 -9.18 -5.09
C ARG A 25 9.03 -9.34 -6.18
N ALA A 26 7.87 -9.91 -5.87
CA ALA A 26 6.80 -10.05 -6.85
C ALA A 26 6.26 -8.69 -7.26
N PHE A 27 6.03 -7.81 -6.29
CA PHE A 27 5.56 -6.45 -6.58
C PHE A 27 6.58 -5.70 -7.44
N ARG A 28 7.86 -5.87 -7.13
CA ARG A 28 8.91 -5.17 -7.89
C ARG A 28 8.95 -5.64 -9.35
N GLY A 29 8.68 -6.92 -9.59
CA GLY A 29 8.61 -7.46 -10.93
C GLY A 29 7.25 -7.36 -11.58
N SER A 30 6.32 -6.61 -10.99
CA SER A 30 4.96 -6.44 -11.51
C SER A 30 4.22 -7.77 -11.61
N ARG A 31 4.59 -8.73 -10.78
CA ARG A 31 3.88 -10.01 -10.68
C ARG A 31 2.85 -9.92 -9.56
N TYR A 32 1.79 -9.16 -9.83
CA TYR A 32 0.82 -8.82 -8.80
C TYR A 32 -0.03 -10.01 -8.40
N GLY A 33 -0.24 -10.97 -9.31
CA GLY A 33 -0.91 -12.20 -8.94
C GLY A 33 -0.14 -12.98 -7.90
N ASP A 34 1.18 -13.09 -8.09
CA ASP A 34 2.01 -13.75 -7.08
C ASP A 34 2.00 -12.96 -5.77
N PHE A 35 2.05 -11.63 -5.85
CA PHE A 35 1.95 -10.80 -4.66
C PHE A 35 0.67 -11.09 -3.89
N ARG A 36 -0.45 -11.20 -4.61
CA ARG A 36 -1.73 -11.49 -3.97
C ARG A 36 -1.69 -12.81 -3.23
N GLN A 37 -1.16 -13.86 -3.86
CA GLN A 37 -1.12 -15.16 -3.23
C GLN A 37 -0.21 -15.16 -2.00
N ILE A 38 0.93 -14.47 -2.08
CA ILE A 38 1.82 -14.38 -0.92
C ILE A 38 1.18 -13.54 0.18
N ARG A 39 0.49 -12.47 -0.21
CA ARG A 39 -0.25 -11.66 0.75
C ARG A 39 -1.25 -12.49 1.54
N ASP A 40 -1.93 -13.42 0.87
CA ASP A 40 -2.93 -14.25 1.55
C ASP A 40 -2.26 -15.19 2.53
N ILE A 41 -1.06 -15.68 2.21
CA ILE A 41 -0.29 -16.49 3.15
C ILE A 41 0.04 -15.69 4.41
N MET A 42 0.53 -14.46 4.21
CA MET A 42 0.88 -13.61 5.35
C MET A 42 -0.35 -13.30 6.19
N GLN A 43 -1.50 -13.08 5.56
CA GLN A 43 -2.72 -12.78 6.29
C GLN A 43 -3.12 -13.94 7.20
N ALA A 44 -3.06 -15.16 6.68
CA ALA A 44 -3.38 -16.33 7.50
C ALA A 44 -2.37 -16.52 8.62
N LEU A 45 -1.10 -16.18 8.39
CA LEU A 45 -0.09 -16.34 9.41
C LEU A 45 -0.27 -15.36 10.56
N LEU A 46 -0.85 -14.19 10.29
CA LEU A 46 -0.95 -13.12 11.28
C LEU A 46 -1.84 -13.48 12.46
N VAL A 47 -2.67 -14.52 12.36
CA VAL A 47 -3.49 -14.93 13.50
C VAL A 47 -2.71 -15.71 14.54
N ARG A 48 -1.51 -16.15 14.21
CA ARG A 48 -0.63 -16.95 15.07
C ARG A 48 0.28 -16.05 15.89
N PRO A 49 0.79 -16.55 17.01
CA PRO A 49 1.67 -15.70 17.84
C PRO A 49 3.00 -15.42 17.15
N LEU A 50 3.42 -14.17 17.22
CA LEU A 50 4.68 -13.73 16.61
C LEU A 50 5.64 -13.13 17.63
N GLY A 51 5.33 -13.22 18.93
CA GLY A 51 6.09 -12.43 19.89
C GLY A 51 5.89 -10.98 19.52
N LYS A 52 6.99 -10.28 19.22
CA LYS A 52 6.96 -9.00 18.52
C LYS A 52 8.37 -8.46 18.28
N GLU A 53 8.54 -7.75 17.16
CA GLU A 53 9.74 -6.98 16.89
C GLU A 53 9.33 -5.57 16.47
N HIS A 54 10.33 -4.70 16.29
CA HIS A 54 10.06 -3.49 15.53
C HIS A 54 10.04 -3.77 14.04
N THR A 55 10.80 -4.78 13.61
CA THR A 55 10.84 -5.15 12.20
C THR A 55 9.48 -5.64 11.72
N VAL A 56 8.82 -6.47 12.52
CA VAL A 56 7.53 -7.02 12.09
C VAL A 56 6.48 -5.93 11.97
N SER A 57 6.44 -5.00 12.92
CA SER A 57 5.47 -3.92 12.87
C SER A 57 5.68 -3.04 11.64
N ARG A 58 6.94 -2.73 11.33
CA ARG A 58 7.22 -1.87 10.18
C ARG A 58 6.91 -2.59 8.86
N LEU A 59 7.28 -3.87 8.75
CA LEU A 59 7.01 -4.59 7.51
C LEU A 59 5.52 -4.82 7.31
N LEU A 60 4.77 -5.00 8.39
CA LEU A 60 3.33 -5.19 8.24
C LEU A 60 2.62 -3.91 7.83
N ARG A 61 3.12 -2.76 8.29
CA ARG A 61 2.57 -1.48 7.83
C ARG A 61 2.79 -1.30 6.33
N VAL A 62 4.03 -1.54 5.87
CA VAL A 62 4.33 -1.44 4.45
C VAL A 62 3.51 -2.45 3.65
N MET A 63 3.40 -3.68 4.17
CA MET A 63 2.57 -4.68 3.52
C MET A 63 1.11 -4.24 3.47
N GLN A 64 0.62 -3.63 4.56
CA GLN A 64 -0.73 -3.07 4.57
C GLN A 64 -0.91 -2.04 3.46
N CYS A 65 0.05 -1.12 3.34
CA CYS A 65 -0.06 -0.03 2.37
C CYS A 65 0.00 -0.57 0.94
N LEU A 66 0.94 -1.48 0.67
CA LEU A 66 1.09 -2.02 -0.68
C LEU A 66 -0.14 -2.81 -1.10
N SER A 67 -0.76 -3.52 -0.16
CA SER A 67 -1.92 -4.35 -0.50
C SER A 67 -3.11 -3.49 -0.88
N ARG A 68 -3.28 -2.33 -0.22
CA ARG A 68 -4.34 -1.41 -0.59
C ARG A 68 -4.04 -0.76 -1.94
N ILE A 69 -2.78 -0.42 -2.19
CA ILE A 69 -2.40 0.15 -3.48
C ILE A 69 -2.63 -0.86 -4.60
N GLU A 70 -2.27 -2.13 -4.35
CA GLU A 70 -2.41 -3.16 -5.37
C GLU A 70 -3.87 -3.39 -5.73
N GLU A 71 -4.78 -3.21 -4.78
CA GLU A 71 -6.21 -3.34 -5.03
C GLU A 71 -6.87 -1.99 -5.35
N GLY A 72 -6.08 -0.95 -5.61
CA GLY A 72 -6.61 0.40 -5.70
C GLY A 72 -7.57 0.63 -6.85
N GLU A 73 -7.47 -0.14 -7.92
CA GLU A 73 -8.38 0.01 -9.06
C GLU A 73 -9.65 -0.80 -8.90
N ASN A 74 -9.82 -1.52 -7.79
CA ASN A 74 -11.01 -2.31 -7.52
C ASN A 74 -11.81 -1.57 -6.45
N LEU A 75 -12.75 -0.73 -6.88
CA LEU A 75 -13.58 0.03 -5.95
C LEU A 75 -14.61 -0.82 -5.24
N ASP A 76 -14.81 -2.08 -5.67
CA ASP A 76 -15.66 -3.00 -4.92
C ASP A 76 -14.99 -3.47 -3.64
N CYS A 77 -13.67 -3.33 -3.54
CA CYS A 77 -12.94 -3.83 -2.38
C CYS A 77 -12.99 -2.84 -1.23
N SER A 78 -13.09 -3.37 -0.02
CA SER A 78 -13.09 -2.57 1.20
C SER A 78 -12.07 -3.15 2.17
N PHE A 79 -11.39 -2.26 2.89
CA PHE A 79 -10.49 -2.68 3.97
C PHE A 79 -11.03 -2.26 5.33
N ASP A 80 -12.25 -1.75 5.38
CA ASP A 80 -12.98 -1.54 6.63
C ASP A 80 -14.46 -1.65 6.29
N MET A 81 -15.11 -2.72 6.74
CA MET A 81 -16.51 -2.94 6.38
C MET A 81 -17.45 -1.97 7.07
N GLU A 82 -17.02 -1.35 8.18
CA GLU A 82 -17.84 -0.31 8.79
C GLU A 82 -17.66 1.04 8.12
N ALA A 83 -16.54 1.25 7.42
CA ALA A 83 -16.32 2.46 6.66
C ALA A 83 -16.76 2.27 5.21
N GLU A 84 -16.75 3.37 4.46
CA GLU A 84 -17.07 3.37 3.04
C GLU A 84 -15.88 3.88 2.22
N LEU A 85 -14.67 3.54 2.63
CA LEU A 85 -13.47 4.05 2.00
C LEU A 85 -13.07 3.19 0.80
N THR A 86 -12.64 3.87 -0.26
CA THR A 86 -12.01 3.17 -1.37
C THR A 86 -10.64 2.66 -0.93
N PRO A 87 -10.09 1.65 -1.63
CA PRO A 87 -8.79 1.12 -1.23
C PRO A 87 -7.69 2.16 -1.15
N LEU A 88 -7.64 3.11 -2.09
CA LEU A 88 -6.58 4.12 -2.06
C LEU A 88 -6.80 5.13 -0.94
N GLU A 89 -8.05 5.34 -0.52
CA GLU A 89 -8.30 6.11 0.69
C GLU A 89 -7.74 5.40 1.91
N SER A 90 -7.91 4.08 1.97
CA SER A 90 -7.32 3.31 3.06
C SER A 90 -5.79 3.35 3.00
N ALA A 91 -5.23 3.39 1.79
CA ALA A 91 -3.79 3.52 1.65
C ALA A 91 -3.30 4.85 2.22
N ILE A 92 -4.09 5.91 2.06
CA ILE A 92 -3.74 7.20 2.64
C ILE A 92 -3.68 7.10 4.17
N ASN A 93 -4.67 6.41 4.76
CA ASN A 93 -4.70 6.28 6.21
C ASN A 93 -3.52 5.46 6.72
N VAL A 94 -3.14 4.40 5.99
CA VAL A 94 -1.99 3.60 6.39
C VAL A 94 -0.72 4.43 6.27
N LEU A 95 -0.61 5.24 5.22
CA LEU A 95 0.55 6.10 5.05
C LEU A 95 0.71 7.06 6.23
N GLU A 96 -0.40 7.59 6.74
CA GLU A 96 -0.34 8.46 7.91
C GLU A 96 0.13 7.70 9.14
N MET A 97 -0.31 6.44 9.30
CA MET A 97 0.19 5.62 10.39
C MET A 97 1.68 5.34 10.21
N ILE A 98 2.12 5.19 8.96
CA ILE A 98 3.54 4.98 8.70
C ILE A 98 4.33 6.23 9.07
N LYS A 99 3.84 7.41 8.67
CA LYS A 99 4.52 8.66 9.01
C LYS A 99 4.71 8.79 10.52
N THR A 100 3.68 8.43 11.30
CA THR A 100 3.77 8.57 12.75
C THR A 100 4.65 7.48 13.35
N GLU A 101 4.43 6.22 12.97
CA GLU A 101 5.15 5.12 13.60
C GLU A 101 6.60 5.04 13.14
N PHE A 102 6.90 5.50 11.92
CA PHE A 102 8.26 5.53 11.42
C PHE A 102 8.98 6.83 11.78
N THR A 103 8.27 7.78 12.40
CA THR A 103 8.81 9.09 12.77
C THR A 103 9.44 9.80 11.57
N LEU A 104 8.62 9.97 10.54
CA LEU A 104 9.03 10.66 9.32
C LEU A 104 8.49 12.08 9.32
N THR A 105 9.24 12.97 8.67
CA THR A 105 8.81 14.35 8.56
C THR A 105 7.75 14.50 7.49
N GLU A 106 6.99 15.60 7.58
CA GLU A 106 6.00 15.91 6.54
C GLU A 106 6.67 16.13 5.20
N ALA A 107 7.91 16.60 5.20
CA ALA A 107 8.61 16.85 3.94
C ALA A 107 9.05 15.56 3.25
N VAL A 108 9.30 14.51 4.01
CA VAL A 108 9.75 13.25 3.42
C VAL A 108 8.57 12.47 2.83
N VAL A 109 7.36 12.65 3.37
CA VAL A 109 6.21 11.85 2.96
C VAL A 109 5.25 12.59 2.02
N GLU A 110 5.43 13.90 1.84
CA GLU A 110 4.42 14.68 1.15
C GLU A 110 4.30 14.31 -0.32
N SER A 111 5.43 14.05 -0.99
CA SER A 111 5.38 13.76 -2.42
C SER A 111 4.66 12.44 -2.69
N SER A 112 5.05 11.37 -1.98
CA SER A 112 4.43 10.07 -2.22
C SER A 112 2.98 10.06 -1.78
N ARG A 113 2.66 10.73 -0.66
CA ARG A 113 1.27 10.87 -0.25
C ARG A 113 0.45 11.61 -1.31
N LYS A 114 1.06 12.61 -1.95
CA LYS A 114 0.38 13.31 -3.05
C LYS A 114 0.06 12.36 -4.20
N LEU A 115 0.97 11.41 -4.48
CA LEU A 115 0.72 10.46 -5.55
C LEU A 115 -0.51 9.60 -5.25
N VAL A 116 -0.70 9.22 -3.98
CA VAL A 116 -1.86 8.41 -3.62
C VAL A 116 -3.14 9.22 -3.73
N LYS A 117 -3.10 10.48 -3.30
CA LYS A 117 -4.26 11.35 -3.43
C LYS A 117 -4.67 11.51 -4.88
N GLU A 118 -3.68 11.70 -5.77
CA GLU A 118 -3.97 11.82 -7.19
C GLU A 118 -4.63 10.55 -7.72
N ALA A 119 -4.05 9.39 -7.41
CA ALA A 119 -4.60 8.13 -7.89
C ALA A 119 -5.99 7.87 -7.32
N ALA A 120 -6.21 8.23 -6.04
CA ALA A 120 -7.50 7.97 -5.41
C ALA A 120 -8.63 8.71 -6.14
N VAL A 121 -8.38 9.96 -6.53
CA VAL A 121 -9.41 10.72 -7.23
C VAL A 121 -9.57 10.23 -8.66
N ILE A 122 -8.46 9.96 -9.34
CA ILE A 122 -8.52 9.60 -10.76
C ILE A 122 -9.24 8.27 -10.95
N ILE A 123 -8.99 7.30 -10.07
CA ILE A 123 -9.65 6.00 -10.20
C ILE A 123 -11.16 6.15 -10.05
N CYS A 124 -11.61 7.00 -9.13
CA CYS A 124 -13.04 7.27 -9.01
C CYS A 124 -13.57 7.92 -10.27
N ILE A 125 -12.78 8.80 -10.90
CA ILE A 125 -13.22 9.47 -12.11
C ILE A 125 -13.41 8.46 -13.23
N LYS A 126 -12.44 7.55 -13.40
CA LYS A 126 -12.50 6.58 -14.48
C LYS A 126 -13.62 5.57 -14.28
N ASN A 127 -14.05 5.33 -13.05
CA ASN A 127 -15.22 4.52 -12.77
C ASN A 127 -16.52 5.33 -12.82
N LYS A 128 -16.46 6.58 -13.24
CA LYS A 128 -17.62 7.48 -13.29
C LYS A 128 -18.27 7.63 -11.92
N GLU A 129 -17.47 7.48 -10.86
CA GLU A 129 -17.92 7.74 -9.49
C GLU A 129 -17.57 9.18 -9.13
N PHE A 130 -18.24 10.11 -9.83
CA PHE A 130 -17.87 11.52 -9.71
C PHE A 130 -18.18 12.07 -8.33
N GLU A 131 -19.24 11.60 -7.67
CA GLU A 131 -19.57 12.09 -6.35
C GLU A 131 -18.51 11.69 -5.32
N LYS A 132 -18.00 10.45 -5.44
CA LYS A 132 -16.93 10.01 -4.55
C LYS A 132 -15.63 10.76 -4.85
N ALA A 133 -15.37 11.03 -6.13
CA ALA A 133 -14.16 11.77 -6.50
C ALA A 133 -14.17 13.16 -5.87
N SER A 134 -15.31 13.85 -5.91
CA SER A 134 -15.41 15.17 -5.30
C SER A 134 -15.20 15.09 -3.80
N LYS A 135 -15.72 14.03 -3.16
CA LYS A 135 -15.57 13.88 -1.72
C LYS A 135 -14.11 13.63 -1.36
N ILE A 136 -13.41 12.78 -2.12
CA ILE A 136 -12.00 12.54 -1.86
C ILE A 136 -11.18 13.80 -2.15
N LEU A 137 -11.51 14.48 -3.25
CA LEU A 137 -10.80 15.71 -3.60
C LEU A 137 -10.94 16.76 -2.50
N LYS A 138 -12.17 17.00 -2.05
CA LYS A 138 -12.42 18.00 -1.02
C LYS A 138 -11.71 17.64 0.29
N LYS A 139 -11.70 16.35 0.63
CA LYS A 139 -11.16 15.94 1.93
C LYS A 139 -9.64 16.00 1.94
N HIS A 140 -9.00 15.59 0.84
CA HIS A 140 -7.56 15.35 0.85
C HIS A 140 -6.75 16.36 0.06
N MET A 141 -7.37 17.16 -0.81
CA MET A 141 -6.63 18.15 -1.59
C MET A 141 -7.02 19.59 -1.31
N SER A 142 -8.22 19.85 -0.80
CA SER A 142 -8.64 21.24 -0.62
C SER A 142 -7.75 21.99 0.35
N LYS A 143 -6.98 21.28 1.18
CA LYS A 143 -6.09 21.87 2.16
C LYS A 143 -4.63 21.64 1.81
N ASP A 144 -4.31 20.54 1.12
CA ASP A 144 -2.92 20.19 0.85
C ASP A 144 -2.26 21.26 -0.04
N PRO A 145 -1.17 21.89 0.41
CA PRO A 145 -0.55 22.92 -0.45
C PRO A 145 0.09 22.37 -1.70
N THR A 146 0.51 21.10 -1.69
CA THR A 146 1.16 20.51 -2.84
C THR A 146 0.19 20.06 -3.92
N THR A 147 -1.11 20.04 -3.63
CA THR A 147 -2.11 19.55 -4.57
C THR A 147 -3.05 20.66 -5.04
N GLN A 148 -2.65 21.92 -4.92
CA GLN A 148 -3.55 23.02 -5.29
C GLN A 148 -3.74 23.11 -6.79
N LYS A 149 -2.67 22.93 -7.56
CA LYS A 149 -2.80 22.92 -9.02
C LYS A 149 -3.51 21.66 -9.49
N LEU A 150 -3.19 20.52 -8.86
CA LEU A 150 -3.86 19.27 -9.22
C LEU A 150 -5.35 19.34 -8.90
N ARG A 151 -5.71 19.91 -7.75
CA ARG A 151 -7.11 20.10 -7.42
C ARG A 151 -7.83 20.95 -8.45
N ASN A 152 -7.16 21.99 -8.96
CA ASN A 152 -7.78 22.86 -9.95
C ASN A 152 -8.12 22.12 -11.24
N ASP A 153 -7.24 21.19 -11.65
CA ASP A 153 -7.50 20.42 -12.86
C ASP A 153 -8.62 19.41 -12.64
N LEU A 154 -8.61 18.72 -11.50
CA LEU A 154 -9.58 17.67 -11.25
C LEU A 154 -10.99 18.21 -11.03
N LEU A 155 -11.10 19.44 -10.52
CA LEU A 155 -12.42 20.03 -10.31
C LEU A 155 -13.17 20.20 -11.61
N ASN A 156 -12.48 20.67 -12.66
CA ASN A 156 -13.13 20.84 -13.96
C ASN A 156 -13.39 19.49 -14.62
N ILE A 157 -12.49 18.53 -14.44
CA ILE A 157 -12.70 17.20 -14.99
C ILE A 157 -13.95 16.56 -14.39
N ILE A 158 -14.14 16.74 -13.08
CA ILE A 158 -15.31 16.16 -12.43
C ILE A 158 -16.59 16.84 -12.89
N ARG A 159 -16.58 18.18 -12.95
CA ARG A 159 -17.76 18.91 -13.37
C ARG A 159 -18.14 18.58 -14.81
N GLU A 160 -17.15 18.45 -15.68
CA GLU A 160 -17.41 18.14 -17.09
C GLU A 160 -17.52 16.64 -17.35
N LYS A 161 -17.21 15.80 -16.36
CA LYS A 161 -17.21 14.35 -16.54
C LYS A 161 -16.33 13.96 -17.73
N ASN A 162 -15.24 14.69 -17.91
CA ASN A 162 -14.37 14.55 -19.08
C ASN A 162 -13.31 13.51 -18.78
N LEU A 163 -13.63 12.25 -19.07
CA LEU A 163 -12.67 11.16 -18.88
C LEU A 163 -11.56 11.16 -19.93
N ALA A 164 -11.67 12.00 -20.96
CA ALA A 164 -10.66 12.08 -22.00
C ALA A 164 -9.62 13.16 -21.72
N HIS A 165 -9.68 13.80 -20.56
CA HIS A 165 -8.70 14.82 -20.22
C HIS A 165 -7.31 14.20 -20.12
N PRO A 166 -6.26 14.91 -20.54
CA PRO A 166 -4.91 14.33 -20.45
C PRO A 166 -4.50 13.93 -19.05
N VAL A 167 -5.00 14.62 -18.02
CA VAL A 167 -4.68 14.22 -16.64
C VAL A 167 -5.19 12.82 -16.37
N ILE A 168 -6.34 12.47 -16.96
CA ILE A 168 -6.91 11.13 -16.77
C ILE A 168 -6.25 10.11 -17.69
N GLN A 169 -5.98 10.50 -18.93
CA GLN A 169 -5.50 9.54 -19.92
C GLN A 169 -4.01 9.26 -19.77
N ASN A 170 -3.21 10.25 -19.36
CA ASN A 170 -1.78 10.04 -19.19
C ASN A 170 -1.43 9.38 -17.87
N PHE A 171 -2.39 9.25 -16.95
CA PHE A 171 -2.11 8.60 -15.68
C PHE A 171 -1.83 7.12 -15.89
N SER A 172 -0.74 6.64 -15.28
CA SER A 172 -0.32 5.25 -15.38
C SER A 172 -0.31 4.65 -13.98
N TYR A 173 -1.20 3.67 -13.76
CA TYR A 173 -1.21 3.03 -12.45
C TYR A 173 0.04 2.20 -12.21
N GLU A 174 0.62 1.64 -13.28
CA GLU A 174 1.89 0.92 -13.15
C GLU A 174 3.00 1.83 -12.64
N THR A 175 3.14 3.01 -13.24
CA THR A 175 4.14 3.97 -12.77
C THR A 175 3.85 4.40 -11.34
N PHE A 176 2.57 4.60 -11.02
CA PHE A 176 2.20 5.00 -9.66
C PHE A 176 2.57 3.91 -8.66
N GLN A 177 2.26 2.64 -8.99
CA GLN A 177 2.53 1.54 -8.07
C GLN A 177 4.02 1.42 -7.78
N GLN A 178 4.86 1.50 -8.81
CA GLN A 178 6.29 1.32 -8.62
C GLN A 178 6.93 2.48 -7.87
N LYS A 179 6.42 3.70 -8.07
CA LYS A 179 6.88 4.82 -7.27
C LYS A 179 6.58 4.60 -5.79
N MET A 180 5.40 4.06 -5.49
CA MET A 180 5.03 3.82 -4.10
C MET A 180 5.92 2.76 -3.46
N LEU A 181 6.23 1.69 -4.22
CA LEU A 181 7.08 0.64 -3.67
C LEU A 181 8.48 1.16 -3.39
N ARG A 182 9.06 1.93 -4.32
CA ARG A 182 10.41 2.46 -4.09
C ARG A 182 10.47 3.33 -2.85
N PHE A 183 9.42 4.13 -2.61
CA PHE A 183 9.39 4.95 -1.40
C PHE A 183 9.27 4.09 -0.15
N LEU A 184 8.32 3.14 -0.16
CA LEU A 184 8.10 2.32 1.02
C LEU A 184 9.29 1.42 1.33
N GLU A 185 9.95 0.91 0.29
CA GLU A 185 11.10 0.03 0.51
C GLU A 185 12.30 0.80 1.07
N SER A 186 12.40 2.09 0.78
CA SER A 186 13.53 2.89 1.26
C SER A 186 13.54 3.04 2.78
N HIS A 187 12.45 2.70 3.46
CA HIS A 187 12.36 2.84 4.91
C HIS A 187 12.46 1.50 5.64
N LEU A 188 12.84 0.43 4.95
CA LEU A 188 12.88 -0.90 5.53
C LEU A 188 14.28 -1.47 5.47
N ASP A 189 14.56 -2.41 6.38
CA ASP A 189 15.78 -3.19 6.31
C ASP A 189 15.78 -4.02 5.02
N ASP A 190 16.95 -4.13 4.40
CA ASP A 190 17.10 -4.80 3.12
C ASP A 190 17.76 -6.17 3.25
N ALA A 191 17.89 -6.69 4.47
CA ALA A 191 18.56 -7.97 4.67
C ALA A 191 17.75 -9.10 4.06
N GLU A 192 18.46 -10.12 3.57
CA GLU A 192 17.77 -11.29 3.05
C GLU A 192 17.22 -12.12 4.20
N PRO A 193 16.03 -12.69 4.04
CA PRO A 193 15.42 -13.45 5.15
C PRO A 193 16.22 -14.70 5.48
N TYR A 194 16.13 -15.09 6.76
CA TYR A 194 16.91 -16.22 7.25
C TYR A 194 16.54 -17.53 6.55
N LEU A 195 15.26 -17.68 6.18
CA LEU A 195 14.85 -18.90 5.49
C LEU A 195 15.48 -18.99 4.10
N LEU A 196 15.65 -17.85 3.42
CA LEU A 196 16.28 -17.86 2.11
C LEU A 196 17.75 -18.28 2.20
N THR A 197 18.48 -17.74 3.18
CA THR A 197 19.89 -18.08 3.32
C THR A 197 20.07 -19.56 3.64
N MET A 198 19.19 -20.12 4.48
CA MET A 198 19.29 -21.54 4.79
C MET A 198 18.86 -22.41 3.63
N ALA A 199 17.98 -21.91 2.77
CA ALA A 199 17.60 -22.66 1.58
C ALA A 199 18.74 -22.73 0.58
N LYS A 200 19.48 -21.63 0.43
CA LYS A 200 20.61 -21.61 -0.49
C LYS A 200 21.67 -22.63 -0.07
N LYS A 201 21.86 -22.80 1.23
CA LYS A 201 22.85 -23.76 1.71
C LYS A 201 22.36 -25.19 1.57
N ALA A 202 21.05 -25.40 1.67
CA ALA A 202 20.50 -26.75 1.49
C ALA A 202 20.60 -27.22 0.05
N LEU A 203 20.51 -26.29 -0.91
CA LEU A 203 20.58 -26.63 -2.33
C LEU A 203 21.99 -26.61 -2.88
N LYS A 204 23.00 -26.28 -2.07
CA LYS A 204 24.39 -26.35 -2.51
C LYS A 204 24.81 -27.81 -2.64
N PHE B 2 -3.08 -7.17 11.54
CA PHE B 2 -3.58 -6.19 10.57
C PHE B 2 -4.37 -6.89 9.48
N LEU B 4 -4.62 -7.42 5.87
CA LEU B 4 -3.81 -7.10 4.67
C LEU B 4 -4.59 -7.14 3.52
N ALA B 5 -5.53 -8.15 3.38
CA ALA B 5 -6.35 -8.29 2.15
C ALA B 5 -7.64 -7.87 2.39
N PRO B 6 -8.49 -7.59 1.39
CA PRO B 6 -9.93 -7.25 1.59
C PRO B 6 -10.49 -8.36 2.23
#